data_7C82
#
_entry.id   7C82
#
_cell.length_a   79.783
_cell.length_b   79.783
_cell.length_c   61.010
_cell.angle_alpha   90.000
_cell.angle_beta   90.000
_cell.angle_gamma   90.000
#
_symmetry.space_group_name_H-M   'P 42 21 2'
#
loop_
_entity.id
_entity.type
_entity.pdbx_description
1 polymer 'SGNH-hydrolase family esterase'
2 non-polymer ALANINE
3 non-polymer 'CADMIUM ION'
4 non-polymer 'ACETATE ION'
5 water water
#
_entity_poly.entity_id   1
_entity_poly.type   'polypeptide(L)'
_entity_poly.pdbx_seq_one_letter_code
;SMGESRVILAFGDSLFAGYGLDKGESYPAKLETALRSHGINARIINAGVSGDTTAAGLQRIKFVLDSQPDKPELAIVELG
GNDLLRGLSPAEARQNLSGILEELQRRKIPILLMGMRAPPNLGAKYQREFDGIYPYLAEKYDAKLVPFFLEAVADRPDLI
QKDHVHPTARGVEELVSATSNAVAKALPAKK
;
_entity_poly.pdbx_strand_id   A
#
# COMPACT_ATOMS: atom_id res chain seq x y z
N SER A 1 -6.42 -25.59 19.87
CA SER A 1 -5.25 -25.00 20.51
C SER A 1 -5.68 -24.25 21.73
N MET A 2 -4.74 -24.05 22.62
N MET A 2 -4.78 -24.09 22.68
CA MET A 2 -4.88 -23.28 23.86
CA MET A 2 -5.06 -23.30 23.89
C MET A 2 -4.67 -21.80 23.53
C MET A 2 -4.61 -21.85 23.66
N GLY A 3 -5.35 -20.97 24.29
CA GLY A 3 -4.92 -19.58 24.47
C GLY A 3 -5.63 -18.58 23.59
N GLU A 4 -5.49 -17.34 24.07
CA GLU A 4 -5.91 -16.15 23.33
C GLU A 4 -5.12 -16.01 22.02
N SER A 5 -5.76 -15.36 21.07
CA SER A 5 -5.09 -15.19 19.78
C SER A 5 -3.94 -14.19 19.86
N ARG A 6 -3.03 -14.32 18.92
CA ARG A 6 -1.91 -13.43 18.72
C ARG A 6 -2.39 -12.18 17.99
N VAL A 7 -2.04 -11.01 18.44
CA VAL A 7 -2.55 -9.78 17.86
C VAL A 7 -1.55 -9.21 16.88
N ILE A 8 -2.00 -8.97 15.67
CA ILE A 8 -1.15 -8.41 14.58
C ILE A 8 -1.81 -7.17 14.08
N LEU A 9 -1.06 -6.05 13.99
CA LEU A 9 -1.60 -4.84 13.37
C LEU A 9 -1.27 -4.79 11.89
N ALA A 10 -2.27 -4.69 11.04
CA ALA A 10 -2.07 -4.51 9.58
C ALA A 10 -2.30 -3.05 9.28
N PHE A 11 -1.21 -2.29 9.17
CA PHE A 11 -1.24 -0.81 9.07
C PHE A 11 -0.92 -0.45 7.62
N GLY A 12 -1.92 -0.06 6.86
CA GLY A 12 -1.70 0.14 5.42
C GLY A 12 -2.78 0.95 4.75
N ASP A 13 -2.88 0.76 3.44
CA ASP A 13 -3.73 1.55 2.56
C ASP A 13 -4.79 0.66 1.94
N SER A 14 -5.20 0.95 0.73
N SER A 14 -5.21 0.96 0.73
CA SER A 14 -6.27 0.18 0.08
CA SER A 14 -6.24 0.19 0.02
C SER A 14 -5.89 -1.29 -0.10
C SER A 14 -5.89 -1.31 -0.02
N LEU A 15 -4.61 -1.63 -0.12
CA LEU A 15 -4.21 -3.05 -0.25
C LEU A 15 -4.49 -3.81 1.04
N PHE A 16 -4.58 -3.17 2.17
CA PHE A 16 -5.02 -3.82 3.41
C PHE A 16 -6.48 -3.58 3.65
N ALA A 17 -7.05 -2.44 3.31
CA ALA A 17 -8.47 -2.16 3.55
C ALA A 17 -9.38 -3.09 2.73
N GLY A 18 -8.90 -3.60 1.61
CA GLY A 18 -9.73 -4.47 0.78
C GLY A 18 -10.59 -3.71 -0.17
N TYR A 19 -10.09 -2.66 -0.77
CA TYR A 19 -10.83 -1.82 -1.72
C TYR A 19 -11.36 -2.72 -2.84
N GLY A 20 -12.67 -2.59 -3.11
CA GLY A 20 -13.27 -3.31 -4.25
C GLY A 20 -13.65 -4.72 -3.89
N LEU A 21 -13.41 -5.15 -2.66
CA LEU A 21 -13.63 -6.56 -2.32
C LEU A 21 -14.79 -6.67 -1.32
N ASP A 22 -15.28 -7.88 -1.20
CA ASP A 22 -16.41 -8.15 -0.31
C ASP A 22 -15.87 -8.48 1.07
N LYS A 23 -16.78 -8.57 2.03
CA LYS A 23 -16.42 -8.82 3.44
C LYS A 23 -15.62 -10.11 3.53
N GLY A 24 -14.48 -10.07 4.23
CA GLY A 24 -13.71 -11.29 4.46
C GLY A 24 -12.69 -11.54 3.35
N GLU A 25 -12.67 -10.77 2.27
CA GLU A 25 -11.75 -11.05 1.14
C GLU A 25 -10.47 -10.21 1.20
N SER A 26 -10.34 -9.28 2.14
CA SER A 26 -9.12 -8.44 2.18
C SER A 26 -7.93 -9.28 2.59
N TYR A 27 -6.78 -8.72 2.25
CA TYR A 27 -5.52 -9.35 2.63
C TYR A 27 -5.43 -9.66 4.11
N PRO A 28 -5.69 -8.72 5.03
CA PRO A 28 -5.60 -9.05 6.46
C PRO A 28 -6.52 -10.21 6.85
N ALA A 29 -7.73 -10.21 6.33
CA ALA A 29 -8.70 -11.25 6.69
C ALA A 29 -8.23 -12.61 6.17
N LYS A 30 -7.74 -12.67 4.95
CA LYS A 30 -7.30 -13.94 4.39
C LYS A 30 -6.00 -14.39 4.98
N LEU A 31 -5.12 -13.42 5.33
CA LEU A 31 -3.89 -13.77 6.04
C LEU A 31 -4.18 -14.39 7.40
N GLU A 32 -5.17 -13.85 8.09
CA GLU A 32 -5.52 -14.38 9.45
C GLU A 32 -5.85 -15.88 9.26
N THR A 33 -6.70 -16.21 8.29
CA THR A 33 -7.07 -17.60 8.06
C THR A 33 -5.86 -18.43 7.70
N ALA A 34 -5.01 -17.94 6.79
CA ALA A 34 -3.83 -18.68 6.34
C ALA A 34 -2.84 -18.99 7.46
N LEU A 35 -2.73 -18.10 8.45
CA LEU A 35 -1.77 -18.34 9.52
C LEU A 35 -2.16 -19.57 10.39
N ARG A 36 -3.41 -20.01 10.33
CA ARG A 36 -3.79 -21.27 11.05
C ARG A 36 -2.96 -22.43 10.53
N SER A 37 -2.53 -22.40 9.28
CA SER A 37 -1.76 -23.48 8.66
C SER A 37 -0.31 -23.37 9.07
N HIS A 38 0.06 -22.34 9.77
CA HIS A 38 1.41 -22.17 10.36
C HIS A 38 1.38 -22.42 11.87
N GLY A 39 0.25 -22.95 12.37
CA GLY A 39 0.15 -23.17 13.83
C GLY A 39 -0.18 -21.93 14.60
N ILE A 40 -0.71 -20.88 13.98
CA ILE A 40 -0.95 -19.57 14.64
C ILE A 40 -2.40 -19.23 14.55
N ASN A 41 -3.01 -18.90 15.73
CA ASN A 41 -4.33 -18.27 15.84
C ASN A 41 -4.04 -16.77 16.03
N ALA A 42 -4.29 -16.00 15.01
CA ALA A 42 -4.08 -14.54 15.02
C ALA A 42 -5.40 -13.83 14.98
N ARG A 43 -5.42 -12.64 15.55
CA ARG A 43 -6.47 -11.63 15.37
C ARG A 43 -5.75 -10.49 14.67
N ILE A 44 -6.06 -10.27 13.43
CA ILE A 44 -5.37 -9.25 12.68
C ILE A 44 -6.26 -8.06 12.68
N ILE A 45 -5.75 -6.93 13.22
CA ILE A 45 -6.41 -5.63 13.26
C ILE A 45 -6.24 -5.05 11.86
N ASN A 46 -7.33 -4.79 11.16
CA ASN A 46 -7.27 -4.21 9.82
C ASN A 46 -7.30 -2.70 10.00
N ALA A 47 -6.09 -2.12 9.99
CA ALA A 47 -5.90 -0.68 10.04
C ALA A 47 -5.52 -0.19 8.65
N GLY A 48 -6.05 -0.79 7.60
CA GLY A 48 -5.94 -0.28 6.26
C GLY A 48 -6.92 0.85 6.04
N VAL A 49 -6.42 1.94 5.47
CA VAL A 49 -7.27 3.08 5.10
C VAL A 49 -7.02 3.36 3.64
N SER A 50 -8.03 3.29 2.79
CA SER A 50 -7.91 3.49 1.36
C SER A 50 -7.40 4.94 1.14
N GLY A 51 -6.44 5.08 0.24
CA GLY A 51 -5.89 6.43 -0.05
C GLY A 51 -4.87 6.97 0.90
N ASP A 52 -4.53 6.28 1.99
CA ASP A 52 -3.57 6.81 2.94
C ASP A 52 -2.19 6.92 2.31
N THR A 53 -1.62 8.11 2.40
CA THR A 53 -0.20 8.36 2.10
C THR A 53 0.65 7.99 3.32
N THR A 54 1.97 8.03 3.15
CA THR A 54 2.84 7.91 4.30
C THR A 54 2.58 8.98 5.33
N ALA A 55 2.30 10.23 4.88
CA ALA A 55 2.04 11.30 5.86
C ALA A 55 0.72 10.99 6.62
N ALA A 56 -0.31 10.51 5.90
CA ALA A 56 -1.54 10.17 6.60
C ALA A 56 -1.31 9.06 7.61
N GLY A 57 -0.49 8.06 7.27
CA GLY A 57 -0.18 7.00 8.22
C GLY A 57 0.54 7.53 9.43
N LEU A 58 1.53 8.43 9.21
CA LEU A 58 2.24 9.05 10.34
C LEU A 58 1.28 9.82 11.25
N GLN A 59 0.33 10.50 10.63
CA GLN A 59 -0.61 11.30 11.41
C GLN A 59 -1.45 10.46 12.35
N ARG A 60 -1.71 9.20 12.01
CA ARG A 60 -2.65 8.36 12.78
C ARG A 60 -1.98 7.25 13.56
N ILE A 61 -0.66 6.98 13.39
CA ILE A 61 -0.11 5.75 14.01
C ILE A 61 -0.27 5.76 15.52
N LYS A 62 -0.03 6.87 16.20
N LYS A 62 -0.01 6.87 16.21
CA LYS A 62 -0.16 6.88 17.67
CA LYS A 62 -0.16 6.90 17.69
C LYS A 62 -1.61 6.63 18.05
C LYS A 62 -1.62 6.61 18.05
N PHE A 63 -2.55 7.27 17.38
CA PHE A 63 -3.99 7.06 17.69
C PHE A 63 -4.37 5.61 17.51
N VAL A 64 -3.95 5.02 16.40
CA VAL A 64 -4.31 3.61 16.11
C VAL A 64 -3.72 2.70 17.20
N LEU A 65 -2.50 2.94 17.61
CA LEU A 65 -1.90 2.11 18.66
C LEU A 65 -2.59 2.34 20.00
N ASP A 66 -2.86 3.59 20.34
CA ASP A 66 -3.53 3.92 21.62
C ASP A 66 -4.96 3.45 21.65
N SER A 67 -5.55 3.20 20.51
CA SER A 67 -6.93 2.68 20.43
C SER A 67 -7.02 1.22 20.69
N GLN A 68 -5.92 0.47 20.74
CA GLN A 68 -5.94 -0.98 20.82
C GLN A 68 -6.15 -1.45 22.23
N PRO A 69 -7.13 -2.35 22.48
CA PRO A 69 -7.20 -2.93 23.83
C PRO A 69 -6.03 -3.85 24.11
N ASP A 70 -5.52 -4.51 23.06
CA ASP A 70 -4.39 -5.41 23.20
C ASP A 70 -3.23 -4.92 22.35
N LYS A 71 -2.07 -4.78 22.93
CA LYS A 71 -0.90 -4.26 22.22
C LYS A 71 -0.56 -5.21 21.11
N PRO A 72 -0.30 -4.71 19.89
CA PRO A 72 0.14 -5.61 18.85
C PRO A 72 1.44 -6.31 19.18
N GLU A 73 1.49 -7.56 18.75
CA GLU A 73 2.65 -8.39 18.89
C GLU A 73 3.54 -8.34 17.63
N LEU A 74 3.02 -7.81 16.54
CA LEU A 74 3.72 -7.59 15.28
C LEU A 74 2.92 -6.47 14.59
N ALA A 75 3.65 -5.57 13.94
CA ALA A 75 3.01 -4.56 13.10
C ALA A 75 3.51 -4.78 11.67
N ILE A 76 2.58 -4.90 10.74
CA ILE A 76 2.88 -5.00 9.31
C ILE A 76 2.58 -3.64 8.72
N VAL A 77 3.57 -3.01 8.14
CA VAL A 77 3.47 -1.62 7.62
C VAL A 77 3.53 -1.66 6.11
N GLU A 78 2.47 -1.16 5.47
CA GLU A 78 2.28 -1.23 4.01
C GLU A 78 1.82 0.12 3.51
N LEU A 79 2.77 1.04 3.26
CA LEU A 79 2.43 2.39 2.84
C LEU A 79 3.46 2.88 1.86
N GLY A 80 3.02 3.85 1.05
CA GLY A 80 3.86 4.54 0.07
C GLY A 80 3.35 4.47 -1.32
N GLY A 81 2.50 3.49 -1.60
CA GLY A 81 1.87 3.43 -2.89
C GLY A 81 1.11 4.68 -3.27
N ASN A 82 0.41 5.30 -2.34
CA ASN A 82 -0.35 6.52 -2.65
C ASN A 82 0.61 7.70 -2.83
N ASP A 83 1.73 7.74 -2.16
CA ASP A 83 2.76 8.76 -2.45
C ASP A 83 3.18 8.62 -3.90
N LEU A 84 3.50 7.41 -4.32
CA LEU A 84 3.84 7.20 -5.77
C LEU A 84 2.69 7.69 -6.67
N LEU A 85 1.47 7.35 -6.37
CA LEU A 85 0.31 7.76 -7.23
C LEU A 85 0.15 9.26 -7.30
N ARG A 86 0.53 9.98 -6.30
CA ARG A 86 0.52 11.45 -6.23
C ARG A 86 1.81 12.01 -6.88
N GLY A 87 2.82 11.16 -7.26
CA GLY A 87 4.17 11.63 -7.69
C GLY A 87 4.95 12.40 -6.63
N LEU A 88 4.68 12.12 -5.40
CA LEU A 88 5.28 12.83 -4.28
C LEU A 88 6.72 12.41 -4.04
N SER A 89 7.46 13.28 -3.40
CA SER A 89 8.89 13.07 -3.10
C SER A 89 9.11 11.70 -2.46
N PRO A 90 10.01 10.88 -3.03
CA PRO A 90 10.39 9.65 -2.33
C PRO A 90 11.10 9.91 -1.00
N ALA A 91 11.90 10.99 -0.96
CA ALA A 91 12.63 11.32 0.26
C ALA A 91 11.62 11.59 1.41
N GLU A 92 10.60 12.36 1.10
CA GLU A 92 9.60 12.67 2.12
C GLU A 92 8.84 11.40 2.54
N ALA A 93 8.58 10.51 1.57
CA ALA A 93 7.92 9.22 1.93
C ALA A 93 8.79 8.44 2.93
N ARG A 94 10.10 8.43 2.64
CA ARG A 94 11.04 7.75 3.55
C ARG A 94 11.01 8.37 4.93
N GLN A 95 11.02 9.72 4.98
CA GLN A 95 10.98 10.42 6.28
C GLN A 95 9.69 10.09 7.06
N ASN A 96 8.56 10.09 6.35
CA ASN A 96 7.28 9.80 7.01
C ASN A 96 7.24 8.35 7.51
N LEU A 97 7.67 7.43 6.67
CA LEU A 97 7.77 6.04 7.11
C LEU A 97 8.70 5.87 8.30
N SER A 98 9.82 6.63 8.29
CA SER A 98 10.73 6.57 9.42
C SER A 98 10.00 6.95 10.73
N GLY A 99 9.15 7.96 10.67
CA GLY A 99 8.42 8.35 11.87
C GLY A 99 7.44 7.29 12.34
N ILE A 100 6.83 6.55 11.41
CA ILE A 100 5.95 5.46 11.78
C ILE A 100 6.76 4.34 12.45
N LEU A 101 7.88 3.97 11.86
CA LEU A 101 8.69 2.89 12.38
C LEU A 101 9.30 3.26 13.73
N GLU A 102 9.67 4.53 13.89
CA GLU A 102 10.22 5.02 15.14
C GLU A 102 9.19 4.86 16.26
N GLU A 103 7.94 5.17 15.99
CA GLU A 103 6.90 5.00 17.02
C GLU A 103 6.72 3.54 17.40
N LEU A 104 6.69 2.67 16.40
CA LEU A 104 6.58 1.22 16.70
C LEU A 104 7.79 0.73 17.50
N GLN A 105 9.00 1.16 17.12
CA GLN A 105 10.20 0.76 17.84
C GLN A 105 10.19 1.30 19.26
N ARG A 106 9.69 2.53 19.49
N ARG A 106 9.73 2.54 19.48
CA ARG A 106 9.59 3.13 20.85
CA ARG A 106 9.68 3.04 20.86
C ARG A 106 8.72 2.28 21.77
C ARG A 106 8.86 2.10 21.71
N ARG A 107 7.75 1.57 21.19
CA ARG A 107 6.84 0.71 21.90
C ARG A 107 7.32 -0.76 21.89
N LYS A 108 8.47 -1.03 21.29
CA LYS A 108 9.03 -2.38 21.20
C LYS A 108 8.08 -3.34 20.48
N ILE A 109 7.42 -2.85 19.43
CA ILE A 109 6.55 -3.68 18.57
C ILE A 109 7.37 -4.11 17.38
N PRO A 110 7.57 -5.43 17.18
CA PRO A 110 8.23 -5.91 16.00
C PRO A 110 7.57 -5.43 14.71
N ILE A 111 8.41 -5.25 13.69
CA ILE A 111 7.93 -4.68 12.42
C ILE A 111 8.22 -5.61 11.25
N LEU A 112 7.23 -5.79 10.39
CA LEU A 112 7.39 -6.37 9.07
C LEU A 112 7.01 -5.27 8.06
N LEU A 113 7.93 -4.89 7.19
CA LEU A 113 7.72 -3.84 6.20
C LEU A 113 7.37 -4.48 4.88
N MET A 114 6.28 -4.07 4.26
CA MET A 114 5.90 -4.51 2.91
C MET A 114 6.46 -3.56 1.88
N GLY A 115 7.39 -4.05 1.09
CA GLY A 115 8.06 -3.25 0.07
C GLY A 115 7.16 -2.90 -1.09
N MET A 116 7.16 -1.62 -1.46
CA MET A 116 6.40 -1.13 -2.61
C MET A 116 7.36 -0.85 -3.75
N ARG A 117 6.88 -0.94 -4.98
CA ARG A 117 7.73 -0.72 -6.18
C ARG A 117 7.04 0.27 -7.11
N ALA A 118 7.84 1.12 -7.69
CA ALA A 118 7.30 2.16 -8.57
C ALA A 118 7.14 1.58 -9.97
N PRO A 119 6.06 1.93 -10.69
CA PRO A 119 5.94 1.56 -12.10
C PRO A 119 6.81 2.51 -12.91
N PRO A 120 7.08 2.16 -14.14
CA PRO A 120 7.98 2.94 -14.97
C PRO A 120 7.52 4.33 -15.39
N ASN A 121 6.24 4.66 -15.26
N ASN A 121 6.26 4.68 -15.14
CA ASN A 121 5.72 5.94 -15.81
CA ASN A 121 5.66 5.95 -15.65
C ASN A 121 6.31 7.12 -15.04
C ASN A 121 6.40 7.19 -15.17
N LEU A 122 6.87 6.91 -13.85
N LEU A 122 6.87 7.25 -13.91
CA LEU A 122 7.49 8.05 -13.14
CA LEU A 122 7.52 8.49 -13.43
C LEU A 122 8.97 8.20 -13.52
C LEU A 122 8.97 8.49 -13.88
N GLY A 123 9.47 7.38 -14.45
CA GLY A 123 10.83 7.40 -14.98
C GLY A 123 11.82 6.71 -14.06
N ALA A 124 12.98 6.34 -14.59
CA ALA A 124 13.95 5.55 -13.87
C ALA A 124 14.52 6.27 -12.66
N LYS A 125 14.78 7.55 -12.76
CA LYS A 125 15.34 8.31 -11.65
C LYS A 125 14.42 8.20 -10.42
N TYR A 126 13.16 8.54 -10.63
CA TYR A 126 12.19 8.46 -9.54
C TYR A 126 12.04 7.02 -9.05
N GLN A 127 11.88 6.10 -9.97
CA GLN A 127 11.65 4.69 -9.62
C GLN A 127 12.77 4.14 -8.76
N ARG A 128 14.01 4.36 -9.15
CA ARG A 128 15.12 3.84 -8.36
C ARG A 128 15.10 4.45 -6.97
N GLU A 129 14.86 5.76 -6.90
CA GLU A 129 14.86 6.44 -5.61
C GLU A 129 13.74 5.88 -4.71
N PHE A 130 12.55 5.77 -5.25
N PHE A 130 12.53 5.76 -5.23
CA PHE A 130 11.42 5.25 -4.49
CA PHE A 130 11.40 5.27 -4.41
C PHE A 130 11.69 3.84 -4.02
C PHE A 130 11.62 3.81 -4.03
N ASP A 131 12.08 2.97 -4.95
CA ASP A 131 12.21 1.53 -4.59
C ASP A 131 13.21 1.36 -3.47
N GLY A 132 14.25 2.20 -3.46
CA GLY A 132 15.32 2.01 -2.47
C GLY A 132 14.96 2.42 -1.05
N ILE A 133 13.85 3.10 -0.84
CA ILE A 133 13.54 3.54 0.55
C ILE A 133 13.24 2.35 1.42
N TYR A 134 12.68 1.27 0.88
CA TYR A 134 12.21 0.16 1.72
C TYR A 134 13.39 -0.65 2.30
N PRO A 135 14.39 -1.06 1.49
CA PRO A 135 15.54 -1.70 2.08
C PRO A 135 16.28 -0.80 3.06
N TYR A 136 16.34 0.48 2.78
CA TYR A 136 16.98 1.45 3.68
C TYR A 136 16.28 1.42 5.05
N LEU A 137 14.95 1.51 5.04
CA LEU A 137 14.21 1.56 6.30
C LEU A 137 14.29 0.24 7.04
N ALA A 138 14.23 -0.87 6.32
CA ALA A 138 14.29 -2.17 7.02
C ALA A 138 15.59 -2.33 7.77
N GLU A 139 16.68 -1.88 7.15
N GLU A 139 16.68 -1.91 7.16
CA GLU A 139 18.03 -1.99 7.73
CA GLU A 139 17.99 -2.03 7.83
C GLU A 139 18.18 -1.01 8.89
C GLU A 139 17.99 -1.06 9.00
N LYS A 140 17.60 0.18 8.77
CA LYS A 140 17.77 1.19 9.82
C LYS A 140 16.97 0.85 11.05
N TYR A 141 15.79 0.30 10.88
CA TYR A 141 14.82 0.09 11.99
C TYR A 141 14.77 -1.38 12.42
N ASP A 142 15.70 -2.19 11.92
CA ASP A 142 15.77 -3.65 12.24
C ASP A 142 14.42 -4.33 12.00
N ALA A 143 13.83 -4.02 10.86
CA ALA A 143 12.55 -4.58 10.46
C ALA A 143 12.80 -5.68 9.45
N LYS A 144 11.93 -6.67 9.50
CA LYS A 144 11.91 -7.65 8.40
C LYS A 144 11.26 -7.01 7.20
N LEU A 145 11.65 -7.43 6.01
CA LEU A 145 11.18 -6.84 4.74
C LEU A 145 10.65 -7.96 3.85
N VAL A 146 9.48 -7.71 3.27
CA VAL A 146 9.03 -8.39 2.05
C VAL A 146 9.45 -7.47 0.94
N PRO A 147 10.44 -7.85 0.10
CA PRO A 147 10.98 -6.86 -0.83
C PRO A 147 9.95 -6.29 -1.78
N PHE A 148 9.05 -7.14 -2.27
CA PHE A 148 8.10 -6.72 -3.30
C PHE A 148 6.74 -7.33 -2.95
N PHE A 149 5.94 -6.61 -2.19
CA PHE A 149 4.68 -7.17 -1.67
C PHE A 149 3.79 -7.64 -2.81
N LEU A 150 3.67 -6.90 -3.88
CA LEU A 150 2.76 -7.25 -4.99
C LEU A 150 3.41 -8.17 -6.02
N GLU A 151 4.55 -8.77 -5.74
CA GLU A 151 5.23 -9.61 -6.72
C GLU A 151 4.31 -10.70 -7.25
N ALA A 152 3.51 -11.32 -6.41
CA ALA A 152 2.76 -12.51 -6.85
C ALA A 152 1.65 -12.11 -7.83
N VAL A 153 1.27 -10.87 -7.96
CA VAL A 153 0.28 -10.48 -8.97
C VAL A 153 0.92 -9.67 -10.09
N ALA A 154 2.25 -9.46 -10.11
CA ALA A 154 2.91 -8.58 -11.07
C ALA A 154 2.67 -8.99 -12.46
N ASP A 155 2.67 -10.28 -12.68
CA ASP A 155 2.58 -10.80 -14.05
C ASP A 155 1.17 -11.34 -14.34
N ARG A 156 0.17 -10.97 -13.53
CA ARG A 156 -1.12 -11.63 -13.53
C ARG A 156 -2.22 -10.60 -13.62
N PRO A 157 -2.42 -10.00 -14.82
CA PRO A 157 -3.52 -9.03 -14.98
C PRO A 157 -4.90 -9.60 -14.66
N ASP A 158 -5.04 -10.92 -14.82
CA ASP A 158 -6.28 -11.63 -14.46
C ASP A 158 -6.57 -11.64 -12.96
N LEU A 159 -5.60 -11.24 -12.12
CA LEU A 159 -5.73 -11.20 -10.68
C LEU A 159 -5.77 -9.79 -10.16
N ILE A 160 -5.94 -8.83 -11.05
CA ILE A 160 -6.04 -7.39 -10.72
C ILE A 160 -7.39 -6.86 -11.12
N GLN A 161 -8.01 -6.12 -10.24
CA GLN A 161 -9.34 -5.57 -10.44
C GLN A 161 -9.23 -4.56 -11.56
N LYS A 162 -10.26 -4.54 -12.38
N LYS A 162 -10.25 -4.47 -12.41
CA LYS A 162 -10.46 -3.43 -13.29
CA LYS A 162 -10.33 -3.40 -13.43
C LYS A 162 -11.19 -2.34 -12.55
C LYS A 162 -11.21 -2.27 -12.89
N ASP A 163 -10.59 -1.19 -12.47
CA ASP A 163 -11.28 -0.04 -11.82
C ASP A 163 -10.83 1.21 -12.56
N HIS A 164 -9.81 1.90 -12.07
CA HIS A 164 -9.27 3.13 -12.73
C HIS A 164 -8.75 2.78 -14.10
N VAL A 165 -9.09 3.57 -15.08
CA VAL A 165 -8.57 3.35 -16.45
C VAL A 165 -8.00 4.71 -16.84
N HIS A 166 -6.70 4.96 -16.69
CA HIS A 166 -6.08 6.24 -17.06
C HIS A 166 -5.30 6.06 -18.36
N PRO A 167 -5.71 6.66 -19.48
CA PRO A 167 -4.95 6.49 -20.73
C PRO A 167 -3.54 7.04 -20.63
N THR A 168 -2.63 6.38 -21.33
CA THR A 168 -1.28 6.94 -21.59
C THR A 168 -1.40 8.13 -22.53
N ALA A 169 -0.29 8.80 -22.82
CA ALA A 169 -0.32 9.89 -23.78
C ALA A 169 -0.79 9.38 -25.15
N ARG A 170 -0.32 8.21 -25.55
CA ARG A 170 -0.78 7.58 -26.80
C ARG A 170 -2.25 7.16 -26.72
N GLY A 171 -2.67 6.69 -25.55
CA GLY A 171 -4.09 6.38 -25.36
C GLY A 171 -4.96 7.62 -25.51
N VAL A 172 -4.48 8.75 -25.00
CA VAL A 172 -5.22 10.03 -25.19
C VAL A 172 -5.44 10.31 -26.66
N GLU A 173 -4.36 10.14 -27.45
CA GLU A 173 -4.45 10.38 -28.90
C GLU A 173 -5.52 9.51 -29.51
N GLU A 174 -5.60 8.26 -29.07
N GLU A 174 -5.58 8.27 -29.05
CA GLU A 174 -6.65 7.34 -29.56
CA GLU A 174 -6.59 7.31 -29.52
C GLU A 174 -8.05 7.86 -29.21
C GLU A 174 -8.02 7.82 -29.21
N LEU A 175 -8.21 8.36 -28.01
CA LEU A 175 -9.50 8.92 -27.59
C LEU A 175 -9.84 10.16 -28.41
N VAL A 176 -8.85 11.00 -28.66
CA VAL A 176 -9.07 12.20 -29.49
C VAL A 176 -9.49 11.81 -30.90
N SER A 177 -8.80 10.84 -31.49
N SER A 177 -8.79 10.84 -31.50
CA SER A 177 -9.16 10.43 -32.85
CA SER A 177 -9.11 10.34 -32.85
C SER A 177 -10.55 9.87 -32.91
C SER A 177 -10.53 9.83 -32.92
N ALA A 178 -11.03 9.22 -31.84
CA ALA A 178 -12.34 8.61 -31.86
C ALA A 178 -13.46 9.61 -31.55
N THR A 179 -13.19 10.72 -30.90
CA THR A 179 -14.22 11.61 -30.38
C THR A 179 -14.19 13.02 -30.98
N SER A 180 -13.20 13.38 -31.78
CA SER A 180 -13.13 14.75 -32.29
C SER A 180 -14.27 15.05 -33.22
N ASN A 181 -14.76 14.09 -34.00
CA ASN A 181 -15.90 14.34 -34.88
C ASN A 181 -17.06 14.76 -34.03
N ALA A 182 -17.32 14.06 -32.92
CA ALA A 182 -18.48 14.40 -32.07
C ALA A 182 -18.32 15.80 -31.48
N VAL A 183 -17.12 16.16 -31.04
CA VAL A 183 -16.90 17.48 -30.47
C VAL A 183 -17.13 18.57 -31.53
N ALA A 184 -16.55 18.36 -32.72
CA ALA A 184 -16.69 19.35 -33.79
C ALA A 184 -18.16 19.52 -34.16
N LYS A 185 -18.91 18.44 -34.16
N LYS A 185 -18.91 18.44 -34.21
CA LYS A 185 -20.33 18.47 -34.51
CA LYS A 185 -20.33 18.54 -34.53
C LYS A 185 -21.19 19.13 -33.42
C LYS A 185 -21.11 19.27 -33.43
N ALA A 186 -20.77 19.01 -32.18
CA ALA A 186 -21.52 19.60 -31.05
C ALA A 186 -21.25 21.11 -30.97
N LEU A 187 -20.11 21.60 -31.42
CA LEU A 187 -19.78 23.01 -31.33
C LEU A 187 -20.58 23.74 -32.40
N PRO A 188 -21.44 24.74 -32.05
CA PRO A 188 -22.21 25.43 -33.09
C PRO A 188 -21.26 26.10 -34.06
N ALA A 189 -21.62 26.16 -35.30
CA ALA A 189 -20.80 26.78 -36.34
C ALA A 189 -20.78 28.26 -36.01
#